data_6L3E
#
_entry.id   6L3E
#
_cell.length_a   87.714
_cell.length_b   89.692
_cell.length_c   64.066
_cell.angle_alpha   90.000
_cell.angle_beta   114.766
_cell.angle_gamma   90.000
#
_symmetry.space_group_name_H-M   'C 1 2 1'
#
loop_
_entity.id
_entity.type
_entity.pdbx_description
1 polymer 'Maltodextrin-binding protein'
2 branched alpha-D-glucopyranose-(1-4)-alpha-D-glucopyranose-(1-4)-alpha-D-glucopyranose-(1-4)-alpha-D-glucopyranose
3 non-polymer (4S)-2-METHYL-2,4-PENTANEDIOL
4 non-polymer METHOXYETHANE
5 non-polymer 'MAGNESIUM ION'
6 non-polymer beta-D-glucopyranose
7 non-polymer 2-AMINO-2-HYDROXYMETHYL-PROPANE-1,3-DIOL
8 non-polymer GLYCEROL
9 water water
#
_entity_poly.entity_id   1
_entity_poly.type   'polypeptide(L)'
_entity_poly.pdbx_seq_one_letter_code
;KIEEGKLVIWINGDKGYNGLAEVGKKFEQDTGIKVTVEHPDKLEEKFPQVAATGDGPDIIFWAHDRFGGYAQSGLLAEVT
PDKAFQDKLYPFTWDAVRYNGKLIAYPIAVEALSLIYNKDLVPNPPKTWEEIPALDKELKVKGKSAIMFNLQEPYFTWPL
IAADGGYAFKFENGKYDVKDVGVDNAGAKAGLTFLIDMIKNKNMSADTDYSIAEAAFNKGETAMTINGPWAWSNIDKSKV
NYGVTLLPTFKGKPSKPFVGVLSAGINAASPNKELAKEFLENYLLTDQGLEAVNKDKPLGAVALKSFQEQLAKDPRIAAT
MDNAQKGEIMPNIPQMSAFWYAVRTAVINAASGRQTVDAALKDAQSRITK
;
_entity_poly.pdbx_strand_id   A
#
loop_
_chem_comp.id
_chem_comp.type
_chem_comp.name
_chem_comp.formula
2ME non-polymer METHOXYETHANE 'C3 H8 O'
BGC D-saccharide, beta linking beta-D-glucopyranose 'C6 H12 O6'
GLC D-saccharide, alpha linking alpha-D-glucopyranose 'C6 H12 O6'
GOL non-polymer GLYCEROL 'C3 H8 O3'
MG non-polymer 'MAGNESIUM ION' 'Mg 2'
MPD non-polymer (4S)-2-METHYL-2,4-PENTANEDIOL 'C6 H14 O2'
TRS non-polymer 2-AMINO-2-HYDROXYMETHYL-PROPANE-1,3-DIOL 'C4 H12 N O3 1'
#
# COMPACT_ATOMS: atom_id res chain seq x y z
N GLU A 4 21.93 10.42 -19.66
CA GLU A 4 21.42 11.79 -19.76
C GLU A 4 20.58 11.93 -21.03
N GLY A 5 19.53 12.74 -20.96
CA GLY A 5 18.66 12.95 -22.09
C GLY A 5 17.51 11.98 -22.22
N LYS A 6 17.20 11.23 -21.17
CA LYS A 6 16.09 10.29 -21.19
C LYS A 6 15.66 10.06 -19.74
N LEU A 7 14.50 9.45 -19.56
CA LEU A 7 14.02 9.13 -18.22
C LEU A 7 13.80 7.64 -18.08
N VAL A 8 14.37 7.06 -17.03
CA VAL A 8 14.08 5.68 -16.63
C VAL A 8 13.27 5.74 -15.33
N ILE A 9 12.14 5.04 -15.31
CA ILE A 9 11.23 5.04 -14.17
C ILE A 9 11.09 3.62 -13.66
N TRP A 10 11.12 3.47 -12.34
CA TRP A 10 10.81 2.21 -11.67
C TRP A 10 9.50 2.34 -10.93
N ILE A 11 8.62 1.34 -11.10
CA ILE A 11 7.34 1.31 -10.41
C ILE A 11 6.99 -0.16 -10.17
N ASN A 12 6.29 -0.44 -9.08
CA ASN A 12 6.00 -1.82 -8.70
C ASN A 12 5.04 -2.49 -9.67
N GLY A 13 5.20 -3.81 -9.81
CA GLY A 13 4.47 -4.62 -10.77
C GLY A 13 2.97 -4.73 -10.54
N ASP A 14 2.47 -4.31 -9.38
CA ASP A 14 1.02 -4.33 -9.18
C ASP A 14 0.35 -3.01 -9.56
N LYS A 15 1.13 -2.01 -9.99
CA LYS A 15 0.59 -0.70 -10.34
C LYS A 15 0.37 -0.60 -11.86
N GLY A 16 -0.25 0.50 -12.28
CA GLY A 16 -0.58 0.70 -13.68
C GLY A 16 0.60 1.14 -14.54
N TYR A 17 1.59 0.26 -14.73
CA TYR A 17 2.81 0.70 -15.40
C TYR A 17 2.61 0.88 -16.90
N ASN A 18 1.64 0.17 -17.50
CA ASN A 18 1.36 0.43 -18.91
C ASN A 18 0.70 1.80 -19.10
N GLY A 19 -0.21 2.17 -18.20
CA GLY A 19 -0.77 3.52 -18.25
C GLY A 19 0.26 4.60 -18.01
N LEU A 20 1.19 4.36 -17.07
CA LEU A 20 2.30 5.30 -16.90
C LEU A 20 3.13 5.40 -18.17
N ALA A 21 3.38 4.27 -18.83
CA ALA A 21 4.15 4.29 -20.06
C ALA A 21 3.46 5.13 -21.14
N GLU A 22 2.12 5.19 -21.12
CA GLU A 22 1.39 6.04 -22.05
C GLU A 22 1.61 7.53 -21.76
N VAL A 23 1.67 7.89 -20.48
CA VAL A 23 2.09 9.25 -20.12
C VAL A 23 3.50 9.52 -20.63
N GLY A 24 4.38 8.52 -20.52
CA GLY A 24 5.73 8.67 -21.03
C GLY A 24 5.77 8.86 -22.54
N LYS A 25 4.92 8.14 -23.28
CA LYS A 25 4.90 8.31 -24.73
C LYS A 25 4.39 9.69 -25.11
N LYS A 26 3.45 10.25 -24.36
CA LYS A 26 3.04 11.63 -24.61
C LYS A 26 4.17 12.60 -24.30
N PHE A 27 4.93 12.34 -23.24
CA PHE A 27 6.09 13.17 -22.93
C PHE A 27 7.07 13.16 -24.10
N GLU A 28 7.35 11.99 -24.66
CA GLU A 28 8.28 11.90 -25.78
C GLU A 28 7.75 12.63 -27.01
N GLN A 29 6.46 12.45 -27.31
N GLN A 29 6.45 12.49 -27.28
CA GLN A 29 5.87 13.14 -28.45
CA GLN A 29 5.86 13.12 -28.45
C GLN A 29 6.09 14.64 -28.36
C GLN A 29 5.82 14.64 -28.36
N ASP A 30 5.97 15.20 -27.16
CA ASP A 30 6.10 16.65 -26.98
C ASP A 30 7.54 17.12 -26.90
N THR A 31 8.44 16.33 -26.32
CA THR A 31 9.80 16.75 -26.03
C THR A 31 10.87 16.02 -26.81
N GLY A 32 10.56 14.88 -27.42
CA GLY A 32 11.58 14.02 -27.99
C GLY A 32 12.35 13.20 -26.97
N ILE A 33 12.02 13.30 -25.68
CA ILE A 33 12.74 12.59 -24.64
C ILE A 33 12.05 11.25 -24.38
N LYS A 34 12.80 10.16 -24.58
CA LYS A 34 12.28 8.82 -24.33
C LYS A 34 12.08 8.58 -22.84
N VAL A 35 10.94 7.98 -22.51
CA VAL A 35 10.62 7.57 -21.14
C VAL A 35 10.48 6.05 -21.14
N THR A 36 11.27 5.39 -20.29
CA THR A 36 11.26 3.93 -20.16
C THR A 36 10.73 3.58 -18.78
N VAL A 37 9.65 2.79 -18.73
CA VAL A 37 9.04 2.37 -17.48
C VAL A 37 9.38 0.90 -17.25
N GLU A 38 9.98 0.60 -16.11
CA GLU A 38 10.33 -0.76 -15.74
C GLU A 38 9.68 -1.10 -14.41
N HIS A 39 9.45 -2.40 -14.18
CA HIS A 39 8.89 -2.87 -12.92
C HIS A 39 9.73 -4.05 -12.41
N PRO A 40 10.97 -3.79 -12.00
CA PRO A 40 11.81 -4.88 -11.49
C PRO A 40 11.26 -5.42 -10.19
N ASP A 41 11.55 -6.70 -9.94
N ASP A 41 11.53 -6.70 -9.95
CA ASP A 41 11.25 -7.30 -8.65
CA ASP A 41 11.18 -7.24 -8.64
C ASP A 41 12.16 -6.70 -7.58
C ASP A 41 12.14 -6.70 -7.59
N LYS A 42 11.62 -6.58 -6.36
CA LYS A 42 12.39 -6.06 -5.23
C LYS A 42 13.00 -4.69 -5.54
N LEU A 43 12.31 -3.89 -6.36
CA LEU A 43 12.89 -2.61 -6.78
C LEU A 43 13.19 -1.72 -5.58
N GLU A 44 12.41 -1.85 -4.50
CA GLU A 44 12.59 -1.02 -3.33
C GLU A 44 13.82 -1.41 -2.52
N GLU A 45 14.28 -2.66 -2.66
CA GLU A 45 15.56 -3.07 -2.09
C GLU A 45 16.72 -2.82 -3.04
N LYS A 46 16.48 -2.94 -4.34
CA LYS A 46 17.53 -2.71 -5.33
C LYS A 46 17.91 -1.24 -5.40
N PHE A 47 16.93 -0.34 -5.30
CA PHE A 47 17.22 1.08 -5.48
C PHE A 47 18.33 1.58 -4.59
N PRO A 48 18.31 1.39 -3.27
CA PRO A 48 19.42 1.89 -2.44
C PRO A 48 20.75 1.26 -2.77
N GLN A 49 20.77 0.05 -3.34
CA GLN A 49 22.04 -0.58 -3.70
C GLN A 49 22.62 0.00 -4.99
N VAL A 50 21.77 0.37 -5.94
CA VAL A 50 22.28 0.94 -7.19
C VAL A 50 22.36 2.47 -7.15
N ALA A 51 21.49 3.13 -6.40
CA ALA A 51 21.59 4.58 -6.28
C ALA A 51 22.82 4.99 -5.48
N ALA A 52 23.28 4.14 -4.56
CA ALA A 52 24.48 4.45 -3.79
C ALA A 52 25.76 4.37 -4.61
N THR A 53 25.70 3.78 -5.81
CA THR A 53 26.82 3.77 -6.74
C THR A 53 26.61 4.71 -7.91
N GLY A 54 25.64 5.61 -7.82
CA GLY A 54 25.37 6.53 -8.91
C GLY A 54 24.65 5.93 -10.09
N ASP A 55 24.05 4.75 -9.92
CA ASP A 55 23.27 4.09 -10.95
C ASP A 55 21.80 4.13 -10.57
N GLY A 56 20.97 3.37 -11.30
CA GLY A 56 19.57 3.26 -10.99
C GLY A 56 18.68 4.06 -11.93
N PRO A 57 17.41 4.17 -11.57
CA PRO A 57 16.46 4.95 -12.38
C PRO A 57 16.50 6.42 -12.02
N ASP A 58 15.97 7.23 -12.92
CA ASP A 58 15.81 8.65 -12.62
C ASP A 58 14.70 8.88 -11.60
N ILE A 59 13.62 8.12 -11.70
CA ILE A 59 12.46 8.29 -10.84
C ILE A 59 12.09 6.92 -10.27
N ILE A 60 11.85 6.87 -8.97
CA ILE A 60 11.39 5.64 -8.31
C ILE A 60 10.04 5.89 -7.68
N PHE A 61 9.10 4.96 -7.89
CA PHE A 61 7.79 4.99 -7.28
C PHE A 61 7.70 3.95 -6.18
N TRP A 62 7.21 4.36 -5.02
CA TRP A 62 6.85 3.41 -3.95
C TRP A 62 5.92 4.14 -3.00
N ALA A 63 5.32 3.40 -2.08
CA ALA A 63 4.66 4.09 -0.97
C ALA A 63 5.68 4.87 -0.16
N HIS A 64 5.21 5.92 0.50
CA HIS A 64 6.11 6.87 1.14
C HIS A 64 6.91 6.27 2.29
N ASP A 65 6.53 5.08 2.82
CA ASP A 65 7.22 4.56 3.99
C ASP A 65 8.68 4.22 3.70
N ARG A 66 9.04 3.98 2.43
CA ARG A 66 10.42 3.63 2.10
C ARG A 66 11.31 4.86 1.97
N PHE A 67 10.72 6.03 1.81
CA PHE A 67 11.49 7.16 1.29
C PHE A 67 12.34 7.85 2.35
N GLY A 68 11.96 7.77 3.63
CA GLY A 68 12.81 8.37 4.66
C GLY A 68 14.15 7.67 4.76
N GLY A 69 14.17 6.35 4.67
CA GLY A 69 15.43 5.62 4.60
C GLY A 69 16.27 6.03 3.42
N TYR A 70 15.64 6.20 2.25
CA TYR A 70 16.40 6.67 1.08
C TYR A 70 16.95 8.06 1.32
N ALA A 71 16.12 8.96 1.86
CA ALA A 71 16.58 10.33 2.08
C ALA A 71 17.70 10.40 3.10
N GLN A 72 17.59 9.59 4.17
CA GLN A 72 18.63 9.57 5.19
C GLN A 72 19.98 9.20 4.58
N SER A 73 19.99 8.30 3.61
CA SER A 73 21.21 7.91 2.92
C SER A 73 21.58 8.83 1.77
N GLY A 74 20.85 9.93 1.56
CA GLY A 74 21.22 10.89 0.54
C GLY A 74 20.91 10.49 -0.89
N LEU A 75 20.00 9.53 -1.09
CA LEU A 75 19.73 8.99 -2.41
C LEU A 75 18.67 9.74 -3.19
N LEU A 76 18.01 10.73 -2.58
CA LEU A 76 16.91 11.44 -3.22
C LEU A 76 17.24 12.92 -3.36
N ALA A 77 16.81 13.48 -4.48
CA ALA A 77 16.87 14.92 -4.68
C ALA A 77 15.73 15.61 -3.92
N GLU A 78 16.04 16.74 -3.30
CA GLU A 78 14.98 17.60 -2.78
C GLU A 78 14.11 18.04 -3.95
N VAL A 79 12.80 17.89 -3.82
CA VAL A 79 11.93 18.34 -4.91
C VAL A 79 11.62 19.82 -4.71
N THR A 80 11.45 20.53 -5.82
CA THR A 80 11.36 21.99 -5.78
C THR A 80 10.08 22.56 -6.37
N PRO A 81 8.88 22.07 -6.03
CA PRO A 81 7.68 22.67 -6.62
C PRO A 81 7.44 24.07 -6.07
N ASP A 82 6.99 24.97 -6.93
CA ASP A 82 6.63 26.28 -6.43
C ASP A 82 5.33 26.19 -5.62
N LYS A 83 4.96 27.31 -5.00
CA LYS A 83 3.81 27.28 -4.10
C LYS A 83 2.51 27.08 -4.88
N ALA A 84 2.45 27.54 -6.13
CA ALA A 84 1.27 27.31 -6.95
C ALA A 84 1.06 25.83 -7.22
N PHE A 85 2.14 25.10 -7.50
CA PHE A 85 1.99 23.66 -7.71
C PHE A 85 1.65 22.94 -6.41
N GLN A 86 2.29 23.34 -5.30
CA GLN A 86 2.00 22.69 -4.03
C GLN A 86 0.53 22.79 -3.68
N ASP A 87 -0.11 23.92 -3.97
N ASP A 87 -0.09 23.94 -3.99
CA ASP A 87 -1.52 24.07 -3.65
CA ASP A 87 -1.52 24.14 -3.73
C ASP A 87 -2.42 23.18 -4.50
C ASP A 87 -2.39 23.12 -4.45
N LYS A 88 -1.89 22.56 -5.56
CA LYS A 88 -2.70 21.64 -6.36
C LYS A 88 -2.91 20.30 -5.66
N LEU A 89 -2.07 19.95 -4.70
CA LEU A 89 -2.14 18.66 -4.02
C LEU A 89 -2.56 18.84 -2.57
N TYR A 90 -3.16 17.80 -2.00
CA TYR A 90 -3.64 17.88 -0.63
C TYR A 90 -2.47 18.05 0.34
N PRO A 91 -2.59 18.95 1.33
CA PRO A 91 -1.46 19.18 2.24
C PRO A 91 -0.98 17.93 2.96
N PHE A 92 -1.88 17.03 3.37
CA PHE A 92 -1.42 15.85 4.09
C PHE A 92 -0.58 14.93 3.21
N THR A 93 -0.76 15.00 1.88
CA THR A 93 0.09 14.18 1.02
C THR A 93 1.51 14.74 0.96
N TRP A 94 1.66 16.07 0.98
CA TRP A 94 3.00 16.63 1.08
C TRP A 94 3.65 16.26 2.41
N ASP A 95 2.88 16.25 3.50
CA ASP A 95 3.42 15.84 4.79
C ASP A 95 4.02 14.44 4.72
N ALA A 96 3.39 13.55 3.95
CA ALA A 96 3.85 12.17 3.86
C ALA A 96 5.24 12.07 3.23
N VAL A 97 5.63 13.06 2.42
CA VAL A 97 6.89 13.01 1.69
C VAL A 97 7.86 14.09 2.19
N ARG A 98 7.66 14.59 3.41
CA ARG A 98 8.58 15.52 4.02
C ARG A 98 9.46 14.77 5.00
N TYR A 99 10.77 14.98 4.91
CA TYR A 99 11.74 14.29 5.76
C TYR A 99 12.80 15.29 6.15
N ASN A 100 12.99 15.48 7.46
N ASN A 100 12.99 15.46 7.46
CA ASN A 100 13.96 16.44 7.97
CA ASN A 100 13.92 16.44 8.01
C ASN A 100 13.67 17.85 7.44
C ASN A 100 13.66 17.83 7.42
N GLY A 101 12.37 18.16 7.31
CA GLY A 101 11.95 19.47 6.84
C GLY A 101 11.95 19.68 5.35
N LYS A 102 12.44 18.72 4.55
CA LYS A 102 12.52 18.89 3.10
C LYS A 102 11.56 17.95 2.40
N LEU A 103 10.97 18.42 1.29
CA LEU A 103 10.16 17.54 0.46
C LEU A 103 11.09 16.67 -0.37
N ILE A 104 10.88 15.34 -0.34
CA ILE A 104 11.83 14.47 -1.03
C ILE A 104 11.13 13.55 -2.02
N ALA A 105 9.89 13.86 -2.36
CA ALA A 105 9.18 13.14 -3.41
C ALA A 105 7.93 13.92 -3.78
N TYR A 106 7.32 13.51 -4.91
CA TYR A 106 6.00 13.99 -5.30
C TYR A 106 4.95 12.97 -4.88
N PRO A 107 3.96 13.34 -4.08
CA PRO A 107 2.88 12.39 -3.78
C PRO A 107 1.94 12.23 -4.97
N ILE A 108 1.48 10.98 -5.18
CA ILE A 108 0.65 10.64 -6.32
C ILE A 108 -0.75 10.20 -5.90
N ALA A 109 -0.83 9.24 -4.98
CA ALA A 109 -2.11 8.64 -4.68
C ALA A 109 -2.12 8.16 -3.24
N VAL A 110 -3.32 8.04 -2.67
CA VAL A 110 -3.53 7.62 -1.29
C VAL A 110 -4.20 6.26 -1.31
N GLU A 111 -3.54 5.27 -0.69
CA GLU A 111 -3.95 3.87 -0.70
C GLU A 111 -4.34 3.40 0.69
N ALA A 112 -5.42 2.62 0.76
CA ALA A 112 -5.72 1.86 1.97
C ALA A 112 -6.44 0.59 1.55
N LEU A 113 -6.25 -0.47 2.34
CA LEU A 113 -6.98 -1.72 2.12
C LEU A 113 -8.44 -1.57 2.49
N SER A 114 -9.30 -2.31 1.78
CA SER A 114 -10.72 -2.42 2.06
C SER A 114 -11.15 -3.88 2.02
N LEU A 115 -12.35 -4.14 2.54
CA LEU A 115 -12.99 -5.44 2.37
C LEU A 115 -13.67 -5.45 1.01
N ILE A 116 -13.32 -6.43 0.17
CA ILE A 116 -13.92 -6.60 -1.15
C ILE A 116 -14.78 -7.84 -1.09
N TYR A 117 -16.04 -7.75 -1.53
CA TYR A 117 -16.93 -8.87 -1.31
C TYR A 117 -17.73 -9.15 -2.57
N ASN A 118 -18.11 -10.42 -2.74
CA ASN A 118 -18.91 -10.86 -3.87
C ASN A 118 -20.38 -10.60 -3.52
N LYS A 119 -21.02 -9.67 -4.24
CA LYS A 119 -22.38 -9.26 -3.90
C LYS A 119 -23.36 -10.41 -4.02
N ASP A 120 -23.05 -11.40 -4.86
CA ASP A 120 -23.98 -12.50 -5.08
C ASP A 120 -23.75 -13.66 -4.13
N LEU A 121 -22.60 -13.70 -3.46
CA LEU A 121 -22.39 -14.69 -2.40
C LEU A 121 -22.71 -14.14 -1.02
N VAL A 122 -22.40 -12.88 -0.75
CA VAL A 122 -22.68 -12.26 0.53
C VAL A 122 -23.27 -10.88 0.29
N PRO A 123 -24.57 -10.80 0.05
CA PRO A 123 -25.20 -9.51 -0.22
C PRO A 123 -25.07 -8.52 0.92
N ASN A 124 -25.05 -9.02 2.16
CA ASN A 124 -24.82 -8.21 3.35
C ASN A 124 -23.50 -8.67 3.97
N PRO A 125 -22.39 -8.03 3.63
CA PRO A 125 -21.09 -8.54 4.07
C PRO A 125 -20.95 -8.39 5.58
N PRO A 126 -20.14 -9.24 6.20
CA PRO A 126 -20.03 -9.22 7.67
C PRO A 126 -19.39 -7.94 8.18
N LYS A 127 -19.95 -7.40 9.25
CA LYS A 127 -19.37 -6.21 9.85
C LYS A 127 -18.31 -6.52 10.90
N THR A 128 -18.24 -7.77 11.37
CA THR A 128 -17.27 -8.18 12.39
C THR A 128 -16.41 -9.34 11.89
N TRP A 129 -15.16 -9.37 12.35
CA TRP A 129 -14.31 -10.53 12.10
C TRP A 129 -14.87 -11.77 12.77
N GLU A 130 -15.43 -11.59 13.96
CA GLU A 130 -15.86 -12.72 14.78
C GLU A 130 -16.96 -13.54 14.12
N GLU A 131 -17.74 -12.96 13.21
CA GLU A 131 -18.80 -13.72 12.56
C GLU A 131 -18.33 -14.46 11.32
N ILE A 132 -17.07 -14.30 10.93
CA ILE A 132 -16.60 -14.91 9.68
C ILE A 132 -16.50 -16.43 9.79
N PRO A 133 -16.08 -17.02 10.92
CA PRO A 133 -16.08 -18.49 10.98
C PRO A 133 -17.44 -19.13 10.72
N ALA A 134 -18.53 -18.56 11.26
CA ALA A 134 -19.85 -19.15 11.00
C ALA A 134 -20.24 -19.00 9.53
N LEU A 135 -19.88 -17.88 8.91
CA LEU A 135 -20.13 -17.72 7.49
C LEU A 135 -19.34 -18.73 6.67
N ASP A 136 -18.07 -18.93 7.05
CA ASP A 136 -17.24 -19.90 6.32
C ASP A 136 -17.85 -21.30 6.39
N LYS A 137 -18.45 -21.65 7.52
CA LYS A 137 -19.02 -23.00 7.63
C LYS A 137 -20.14 -23.19 6.63
N GLU A 138 -21.00 -22.18 6.47
CA GLU A 138 -22.10 -22.32 5.51
C GLU A 138 -21.57 -22.30 4.07
N LEU A 139 -20.55 -21.50 3.80
CA LEU A 139 -20.00 -21.51 2.45
C LEU A 139 -19.26 -22.81 2.14
N LYS A 140 -18.63 -23.42 3.15
CA LYS A 140 -17.85 -24.64 2.89
C LYS A 140 -18.76 -25.78 2.44
N VAL A 141 -20.02 -25.81 2.90
CA VAL A 141 -20.90 -26.87 2.41
C VAL A 141 -21.26 -26.64 0.95
N LYS A 142 -21.10 -25.41 0.44
CA LYS A 142 -21.30 -25.11 -0.98
C LYS A 142 -20.00 -25.21 -1.77
N GLY A 143 -18.93 -25.71 -1.16
CA GLY A 143 -17.66 -25.81 -1.85
C GLY A 143 -16.92 -24.49 -1.98
N LYS A 144 -17.24 -23.51 -1.15
CA LYS A 144 -16.65 -22.17 -1.18
C LYS A 144 -16.03 -21.85 0.17
N SER A 145 -15.46 -20.65 0.28
CA SER A 145 -14.92 -20.18 1.56
C SER A 145 -15.37 -18.75 1.77
N ALA A 146 -15.34 -18.31 3.02
CA ALA A 146 -15.74 -16.94 3.34
C ALA A 146 -14.72 -15.92 2.86
N ILE A 147 -13.44 -16.12 3.16
CA ILE A 147 -12.48 -15.04 2.88
C ILE A 147 -11.10 -15.62 2.58
N MET A 148 -10.41 -15.01 1.62
CA MET A 148 -9.01 -15.31 1.36
C MET A 148 -8.27 -14.02 1.06
N PHE A 149 -7.14 -13.83 1.73
CA PHE A 149 -6.28 -12.69 1.40
C PHE A 149 -4.83 -13.07 1.64
N ASN A 150 -3.94 -12.21 1.15
CA ASN A 150 -2.50 -12.45 1.24
C ASN A 150 -2.03 -12.53 2.69
N LEU A 151 -1.63 -13.72 3.14
CA LEU A 151 -1.09 -13.87 4.49
C LEU A 151 0.42 -13.78 4.55
N GLN A 152 1.10 -13.61 3.41
CA GLN A 152 2.56 -13.56 3.41
C GLN A 152 3.11 -12.16 3.65
N GLU A 153 2.34 -11.13 3.37
CA GLU A 153 2.85 -9.77 3.52
C GLU A 153 2.15 -9.08 4.68
N PRO A 154 2.92 -8.51 5.63
CA PRO A 154 2.29 -7.97 6.85
C PRO A 154 1.40 -6.79 6.61
N TYR A 155 1.54 -6.12 5.46
CA TYR A 155 0.61 -5.08 5.07
C TYR A 155 -0.85 -5.54 5.19
N PHE A 156 -1.13 -6.79 4.83
CA PHE A 156 -2.51 -7.25 4.74
C PHE A 156 -3.06 -7.75 6.08
N THR A 157 -2.18 -8.19 6.98
CA THR A 157 -2.61 -8.66 8.29
C THR A 157 -2.55 -7.57 9.34
N TRP A 158 -1.75 -6.53 9.11
CA TRP A 158 -1.68 -5.42 10.06
C TRP A 158 -3.01 -4.80 10.45
N PRO A 159 -4.00 -4.58 9.56
CA PRO A 159 -5.23 -3.94 10.03
C PRO A 159 -5.89 -4.68 11.18
N LEU A 160 -5.81 -6.01 11.17
CA LEU A 160 -6.37 -6.81 12.26
C LEU A 160 -5.49 -6.75 13.50
N ILE A 161 -4.17 -6.72 13.32
CA ILE A 161 -3.26 -6.67 14.46
C ILE A 161 -3.38 -5.33 15.19
N ALA A 162 -3.56 -4.25 14.44
CA ALA A 162 -3.69 -2.92 15.03
C ALA A 162 -5.04 -2.67 15.67
N ALA A 163 -6.09 -3.42 15.29
CA ALA A 163 -7.46 -3.09 15.69
C ALA A 163 -7.59 -2.96 17.20
N ASP A 164 -7.10 -3.94 17.95
CA ASP A 164 -7.24 -3.94 19.41
C ASP A 164 -6.10 -3.23 20.13
N GLY A 165 -5.14 -2.65 19.41
CA GLY A 165 -4.15 -1.83 20.09
C GLY A 165 -2.73 -1.90 19.57
N GLY A 166 -2.45 -2.79 18.62
CA GLY A 166 -1.13 -2.81 18.02
C GLY A 166 -0.80 -1.51 17.32
N TYR A 167 0.48 -1.13 17.37
CA TYR A 167 0.95 0.01 16.60
C TYR A 167 2.41 -0.18 16.24
N ALA A 168 2.87 0.62 15.28
CA ALA A 168 4.26 0.57 14.85
C ALA A 168 5.12 1.43 15.76
N PHE A 169 5.24 2.73 15.47
CA PHE A 169 5.96 3.67 16.32
C PHE A 169 5.00 4.72 16.87
N LYS A 170 5.12 5.02 18.16
CA LYS A 170 4.28 6.03 18.76
C LYS A 170 4.71 7.42 18.28
N PHE A 171 3.73 8.23 17.86
CA PHE A 171 4.01 9.60 17.43
C PHE A 171 3.78 10.56 18.59
N GLU A 172 4.75 11.45 18.82
CA GLU A 172 4.61 12.56 19.75
C GLU A 172 4.41 13.83 18.93
N ASN A 173 3.26 14.47 19.11
CA ASN A 173 2.78 15.50 18.17
C ASN A 173 3.74 16.69 17.94
N LYS A 175 7.41 14.08 16.37
CA LYS A 175 8.44 13.09 16.11
C LYS A 175 7.92 11.71 16.49
N TYR A 176 8.37 10.68 15.78
CA TYR A 176 8.14 9.31 16.20
C TYR A 176 9.18 8.91 17.24
N ASP A 177 8.71 8.23 18.29
CA ASP A 177 9.60 7.65 19.30
C ASP A 177 9.97 6.25 18.82
N VAL A 178 11.19 6.11 18.30
CA VAL A 178 11.63 4.85 17.71
C VAL A 178 11.83 3.74 18.73
N LYS A 179 11.76 4.06 20.02
CA LYS A 179 11.83 3.04 21.06
C LYS A 179 10.48 2.69 21.65
N ASP A 180 9.41 3.35 21.22
CA ASP A 180 8.05 3.08 21.72
C ASP A 180 7.31 2.37 20.59
N VAL A 181 7.38 1.05 20.60
CA VAL A 181 6.89 0.19 19.52
C VAL A 181 5.76 -0.68 20.07
N GLY A 182 4.69 -0.84 19.29
CA GLY A 182 3.53 -1.56 19.78
C GLY A 182 3.28 -2.89 19.10
N VAL A 183 4.35 -3.63 18.85
CA VAL A 183 4.21 -4.89 18.11
C VAL A 183 3.89 -6.06 19.04
N ASP A 184 4.30 -5.99 20.32
CA ASP A 184 4.04 -7.10 21.25
C ASP A 184 3.17 -6.70 22.43
N ASN A 185 2.28 -5.71 22.26
CA ASN A 185 1.34 -5.42 23.33
C ASN A 185 0.12 -6.34 23.25
N ALA A 186 -0.79 -6.18 24.22
CA ALA A 186 -1.91 -7.12 24.34
C ALA A 186 -2.84 -7.03 23.15
N GLY A 187 -2.99 -5.83 22.57
CA GLY A 187 -3.87 -5.69 21.43
C GLY A 187 -3.32 -6.36 20.18
N ALA A 188 -2.02 -6.18 19.94
CA ALA A 188 -1.37 -6.86 18.81
C ALA A 188 -1.52 -8.37 18.94
N LYS A 189 -1.27 -8.90 20.15
CA LYS A 189 -1.37 -10.34 20.34
C LYS A 189 -2.78 -10.85 20.13
N ALA A 190 -3.78 -10.06 20.54
CA ALA A 190 -5.16 -10.50 20.40
C ALA A 190 -5.55 -10.63 18.93
N GLY A 191 -5.12 -9.68 18.11
CA GLY A 191 -5.47 -9.73 16.69
C GLY A 191 -4.74 -10.83 15.97
N LEU A 192 -3.43 -10.99 16.26
CA LEU A 192 -2.70 -12.08 15.63
C LEU A 192 -3.21 -13.44 16.12
N THR A 193 -3.61 -13.54 17.39
CA THR A 193 -4.19 -14.80 17.88
C THR A 193 -5.47 -15.15 17.14
N PHE A 194 -6.31 -14.15 16.85
CA PHE A 194 -7.53 -14.44 16.10
C PHE A 194 -7.21 -14.95 14.70
N LEU A 195 -6.23 -14.32 14.02
CA LEU A 195 -5.78 -14.84 12.74
C LEU A 195 -5.32 -16.29 12.85
N ILE A 196 -4.51 -16.58 13.87
CA ILE A 196 -4.00 -17.93 14.01
C ILE A 196 -5.13 -18.91 14.32
N ASP A 197 -6.11 -18.45 15.10
CA ASP A 197 -7.27 -19.29 15.41
C ASP A 197 -8.11 -19.59 14.16
N MET A 198 -8.24 -18.63 13.24
CA MET A 198 -8.93 -18.92 11.98
C MET A 198 -8.15 -19.96 11.18
N ILE A 199 -6.82 -19.90 11.20
CA ILE A 199 -6.02 -20.87 10.47
C ILE A 199 -6.16 -22.25 11.11
N LYS A 200 -6.08 -22.32 12.44
CA LYS A 200 -6.25 -23.60 13.12
C LYS A 200 -7.61 -24.22 12.82
N ASN A 201 -8.65 -23.39 12.71
CA ASN A 201 -10.02 -23.81 12.42
C ASN A 201 -10.25 -24.07 10.93
N LYS A 202 -9.21 -23.93 10.10
CA LYS A 202 -9.26 -24.17 8.66
C LYS A 202 -10.22 -23.21 7.96
N ASN A 203 -10.42 -22.02 8.54
CA ASN A 203 -11.10 -20.95 7.81
C ASN A 203 -10.16 -20.27 6.84
N MET A 204 -8.87 -20.32 7.10
CA MET A 204 -7.86 -19.84 6.18
C MET A 204 -6.68 -20.79 6.21
N SER A 205 -5.79 -20.64 5.22
CA SER A 205 -4.60 -21.46 5.09
C SER A 205 -3.37 -20.58 5.17
N ALA A 206 -2.39 -20.99 5.95
CA ALA A 206 -1.22 -20.15 6.18
C ALA A 206 -0.43 -19.88 4.91
N ASP A 207 -0.59 -20.69 3.87
CA ASP A 207 0.21 -20.50 2.66
C ASP A 207 -0.46 -19.60 1.62
N THR A 208 -1.65 -19.08 1.90
CA THR A 208 -2.32 -18.19 0.94
C THR A 208 -1.50 -16.93 0.72
N ASP A 209 -1.22 -16.63 -0.55
CA ASP A 209 -0.46 -15.45 -0.93
C ASP A 209 -1.33 -14.57 -1.83
N TYR A 210 -0.70 -13.57 -2.44
CA TYR A 210 -1.45 -12.61 -3.25
C TYR A 210 -2.12 -13.29 -4.43
N SER A 211 -1.35 -14.08 -5.18
CA SER A 211 -1.88 -14.71 -6.40
C SER A 211 -3.01 -15.68 -6.09
N ILE A 212 -2.85 -16.48 -5.03
CA ILE A 212 -3.86 -17.48 -4.70
C ILE A 212 -5.16 -16.82 -4.31
N ALA A 213 -5.07 -15.77 -3.49
CA ALA A 213 -6.30 -15.10 -3.04
C ALA A 213 -6.97 -14.35 -4.17
N GLU A 214 -6.18 -13.68 -5.03
CA GLU A 214 -6.77 -12.97 -6.15
C GLU A 214 -7.47 -13.92 -7.10
N ALA A 215 -6.84 -15.06 -7.40
CA ALA A 215 -7.46 -16.02 -8.31
C ALA A 215 -8.73 -16.59 -7.71
N ALA A 216 -8.71 -16.93 -6.41
CA ALA A 216 -9.89 -17.51 -5.79
C ALA A 216 -11.04 -16.52 -5.77
N PHE A 217 -10.77 -15.26 -5.42
CA PHE A 217 -11.87 -14.31 -5.36
C PHE A 217 -12.41 -14.03 -6.76
N ASN A 218 -11.51 -13.84 -7.73
CA ASN A 218 -11.96 -13.43 -9.06
C ASN A 218 -12.60 -14.57 -9.84
N LYS A 219 -12.47 -15.81 -9.37
CA LYS A 219 -13.18 -16.95 -9.96
C LYS A 219 -14.44 -17.31 -9.19
N GLY A 220 -14.80 -16.54 -8.16
CA GLY A 220 -16.00 -16.83 -7.40
C GLY A 220 -15.88 -17.97 -6.41
N GLU A 221 -14.66 -18.33 -6.00
CA GLU A 221 -14.47 -19.45 -5.07
C GLU A 221 -14.49 -19.02 -3.62
N THR A 222 -14.20 -17.76 -3.33
CA THR A 222 -14.28 -17.23 -1.98
C THR A 222 -15.15 -15.98 -2.00
N ALA A 223 -15.88 -15.75 -0.91
CA ALA A 223 -16.86 -14.67 -0.89
C ALA A 223 -16.23 -13.31 -0.68
N MET A 224 -15.04 -13.24 -0.10
CA MET A 224 -14.46 -11.95 0.28
C MET A 224 -12.95 -12.01 0.11
N THR A 225 -12.36 -10.84 -0.08
CA THR A 225 -10.91 -10.72 -0.01
C THR A 225 -10.57 -9.36 0.59
N ILE A 226 -9.29 -9.15 0.84
CA ILE A 226 -8.80 -7.87 1.35
C ILE A 226 -7.71 -7.41 0.39
N ASN A 227 -7.90 -6.25 -0.23
CA ASN A 227 -6.93 -5.74 -1.19
C ASN A 227 -7.12 -4.24 -1.35
N GLY A 228 -6.22 -3.64 -2.14
CA GLY A 228 -6.25 -2.22 -2.38
C GLY A 228 -6.78 -1.89 -3.75
N PRO A 229 -6.78 -0.61 -4.10
CA PRO A 229 -7.40 -0.17 -5.36
C PRO A 229 -6.78 -0.78 -6.61
N TRP A 230 -5.48 -1.04 -6.60
CA TRP A 230 -4.80 -1.60 -7.76
C TRP A 230 -5.43 -2.93 -8.20
N ALA A 231 -6.08 -3.64 -7.29
CA ALA A 231 -6.68 -4.92 -7.61
C ALA A 231 -8.03 -4.83 -8.31
N TRP A 232 -8.68 -3.66 -8.30
CA TRP A 232 -10.07 -3.61 -8.79
C TRP A 232 -10.16 -3.91 -10.27
N SER A 233 -9.15 -3.49 -11.05
CA SER A 233 -9.19 -3.64 -12.50
C SER A 233 -9.34 -5.10 -12.90
N ASN A 234 -8.60 -6.01 -12.26
CA ASN A 234 -8.74 -7.42 -12.58
C ASN A 234 -10.10 -7.96 -12.16
N ILE A 235 -10.69 -7.43 -11.09
CA ILE A 235 -12.03 -7.90 -10.72
C ILE A 235 -13.06 -7.38 -11.72
N ASP A 236 -12.89 -6.13 -12.19
CA ASP A 236 -13.79 -5.63 -13.24
C ASP A 236 -13.85 -6.58 -14.42
N LYS A 237 -12.71 -7.11 -14.84
CA LYS A 237 -12.65 -8.01 -15.98
C LYS A 237 -13.19 -9.40 -15.68
N SER A 238 -13.30 -9.76 -14.41
CA SER A 238 -13.82 -11.06 -14.03
C SER A 238 -15.34 -11.07 -14.06
N LYS A 239 -15.91 -12.26 -13.88
CA LYS A 239 -17.36 -12.42 -13.83
C LYS A 239 -17.97 -11.93 -12.53
N VAL A 240 -17.15 -11.58 -11.54
CA VAL A 240 -17.64 -11.35 -10.19
C VAL A 240 -18.21 -9.94 -10.07
N ASN A 241 -19.40 -9.83 -9.50
CA ASN A 241 -19.99 -8.55 -9.11
C ASN A 241 -19.57 -8.27 -7.68
N TYR A 242 -18.67 -7.31 -7.49
CA TYR A 242 -18.04 -7.05 -6.20
C TYR A 242 -18.43 -5.68 -5.68
N GLY A 243 -18.41 -5.57 -4.35
CA GLY A 243 -18.51 -4.28 -3.69
C GLY A 243 -17.25 -4.06 -2.86
N VAL A 244 -17.02 -2.83 -2.45
CA VAL A 244 -15.87 -2.45 -1.64
C VAL A 244 -16.41 -1.75 -0.40
N THR A 245 -15.99 -2.18 0.78
CA THR A 245 -16.63 -1.67 1.99
C THR A 245 -15.63 -1.63 3.13
N LEU A 246 -16.13 -1.27 4.31
CA LEU A 246 -15.29 -1.20 5.51
C LEU A 246 -14.75 -2.58 5.87
N LEU A 247 -13.50 -2.61 6.31
CA LEU A 247 -12.95 -3.82 6.90
C LEU A 247 -13.78 -4.21 8.12
N PRO A 248 -13.84 -5.50 8.44
CA PRO A 248 -14.59 -5.92 9.63
C PRO A 248 -13.96 -5.35 10.89
N THR A 249 -14.79 -5.19 11.92
CA THR A 249 -14.29 -4.81 13.24
C THR A 249 -13.76 -6.03 13.98
N PHE A 250 -12.93 -5.77 14.98
CA PHE A 250 -12.42 -6.81 15.85
C PHE A 250 -12.60 -6.34 17.28
N LYS A 251 -13.23 -7.18 18.10
CA LYS A 251 -13.59 -6.80 19.47
C LYS A 251 -14.31 -5.45 19.49
N GLY A 252 -15.14 -5.21 18.48
CA GLY A 252 -15.92 -3.98 18.39
C GLY A 252 -15.18 -2.75 17.89
N LYS A 253 -13.86 -2.85 17.62
CA LYS A 253 -13.04 -1.75 17.18
C LYS A 253 -12.73 -1.87 15.68
N PRO A 254 -12.59 -0.75 14.98
CA PRO A 254 -12.32 -0.83 13.54
C PRO A 254 -10.95 -1.44 13.27
N SER A 255 -10.87 -2.22 12.18
CA SER A 255 -9.57 -2.57 11.65
C SER A 255 -8.85 -1.31 11.20
N LYS A 256 -7.54 -1.27 11.36
CA LYS A 256 -6.75 -0.07 11.16
C LYS A 256 -5.68 -0.30 10.09
N PRO A 257 -6.05 -0.17 8.82
CA PRO A 257 -5.04 -0.36 7.77
C PRO A 257 -4.01 0.77 7.80
N PHE A 258 -2.77 0.44 7.44
CA PHE A 258 -1.77 1.47 7.22
C PHE A 258 -2.06 2.20 5.91
N VAL A 259 -1.99 3.53 5.94
CA VAL A 259 -2.27 4.32 4.74
C VAL A 259 -0.95 4.63 4.05
N GLY A 260 -0.87 4.29 2.78
CA GLY A 260 0.33 4.53 1.97
C GLY A 260 0.05 5.63 0.96
N VAL A 261 1.02 6.52 0.78
CA VAL A 261 0.95 7.54 -0.27
C VAL A 261 1.93 7.08 -1.34
N LEU A 262 1.40 6.59 -2.46
CA LEU A 262 2.24 6.30 -3.62
C LEU A 262 2.98 7.57 -3.99
N SER A 263 4.31 7.51 -4.04
CA SER A 263 5.15 8.68 -4.23
C SER A 263 6.22 8.44 -5.29
N ALA A 264 6.64 9.53 -5.95
CA ALA A 264 7.67 9.49 -6.99
C ALA A 264 8.86 10.30 -6.50
N GLY A 265 9.98 9.63 -6.30
CA GLY A 265 11.21 10.28 -5.88
C GLY A 265 12.15 10.41 -7.07
N ILE A 266 12.98 11.46 -7.03
CA ILE A 266 13.98 11.69 -8.06
C ILE A 266 15.35 11.30 -7.50
N ASN A 267 16.02 10.40 -8.21
CA ASN A 267 17.33 9.89 -7.80
C ASN A 267 18.32 11.05 -7.70
N ALA A 268 19.04 11.11 -6.57
CA ALA A 268 20.05 12.16 -6.39
C ALA A 268 21.17 12.06 -7.41
N ALA A 269 21.39 10.87 -7.98
CA ALA A 269 22.40 10.67 -9.01
C ALA A 269 21.87 10.93 -10.42
N SER A 270 20.58 11.24 -10.57
CA SER A 270 20.02 11.47 -11.89
C SER A 270 20.65 12.70 -12.56
N PRO A 271 21.14 12.58 -13.79
CA PRO A 271 21.50 13.76 -14.58
C PRO A 271 20.32 14.44 -15.25
N ASN A 272 19.10 14.03 -14.93
CA ASN A 272 17.90 14.46 -15.62
C ASN A 272 16.87 15.07 -14.67
N LYS A 273 17.35 15.73 -13.61
CA LYS A 273 16.42 16.20 -12.58
C LYS A 273 15.43 17.22 -13.11
N GLU A 274 15.86 18.09 -14.03
CA GLU A 274 14.94 19.06 -14.61
C GLU A 274 13.88 18.36 -15.45
N LEU A 275 14.27 17.36 -16.23
CA LEU A 275 13.29 16.63 -17.03
C LEU A 275 12.34 15.86 -16.13
N ALA A 276 12.85 15.28 -15.05
CA ALA A 276 11.98 14.52 -14.15
C ALA A 276 10.94 15.44 -13.51
N LYS A 277 11.37 16.63 -13.08
CA LYS A 277 10.43 17.61 -12.54
C LYS A 277 9.34 17.94 -13.57
N GLU A 278 9.75 18.21 -14.81
CA GLU A 278 8.79 18.53 -15.87
C GLU A 278 7.80 17.39 -16.08
N PHE A 279 8.31 16.15 -16.15
CA PHE A 279 7.44 15.00 -16.36
C PHE A 279 6.44 14.84 -15.21
N LEU A 280 6.92 14.89 -13.96
CA LEU A 280 6.05 14.62 -12.84
C LEU A 280 5.05 15.76 -12.62
N GLU A 281 5.51 17.00 -12.72
CA GLU A 281 4.63 18.15 -12.44
C GLU A 281 3.64 18.40 -13.58
N ASN A 282 4.09 18.33 -14.82
CA ASN A 282 3.30 18.83 -15.93
C ASN A 282 2.74 17.75 -16.83
N TYR A 283 3.07 16.48 -16.58
CA TYR A 283 2.48 15.38 -17.34
C TYR A 283 1.78 14.39 -16.44
N LEU A 284 2.47 13.83 -15.44
CA LEU A 284 1.83 12.82 -14.61
C LEU A 284 0.77 13.43 -13.71
N LEU A 285 1.12 14.49 -12.99
CA LEU A 285 0.23 15.11 -12.00
C LEU A 285 -0.71 16.12 -12.65
N THR A 286 -1.42 15.62 -13.67
CA THR A 286 -2.52 16.32 -14.33
C THR A 286 -3.72 15.41 -14.33
N ASP A 287 -4.90 15.98 -14.61
CA ASP A 287 -6.10 15.15 -14.71
C ASP A 287 -5.92 14.05 -15.75
N GLN A 288 -5.32 14.39 -16.89
CA GLN A 288 -5.19 13.45 -17.99
C GLN A 288 -4.10 12.41 -17.71
N GLY A 289 -3.00 12.82 -17.06
CA GLY A 289 -1.95 11.86 -16.76
C GLY A 289 -2.38 10.83 -15.73
N LEU A 290 -3.03 11.29 -14.65
CA LEU A 290 -3.51 10.35 -13.65
C LEU A 290 -4.61 9.47 -14.21
N GLU A 291 -5.45 10.02 -15.10
CA GLU A 291 -6.49 9.19 -15.70
C GLU A 291 -5.87 8.04 -16.47
N ALA A 292 -4.78 8.29 -17.19
CA ALA A 292 -4.15 7.24 -17.99
C ALA A 292 -3.63 6.11 -17.11
N VAL A 293 -3.02 6.46 -15.97
CA VAL A 293 -2.57 5.42 -15.05
C VAL A 293 -3.76 4.72 -14.40
N ASN A 294 -4.74 5.51 -13.95
CA ASN A 294 -5.91 4.99 -13.24
C ASN A 294 -6.71 3.99 -14.08
N LYS A 295 -6.84 4.25 -15.39
CA LYS A 295 -7.57 3.33 -16.26
C LYS A 295 -6.84 2.01 -16.46
N ASP A 296 -5.53 1.98 -16.19
CA ASP A 296 -4.79 0.71 -16.21
C ASP A 296 -5.01 -0.07 -14.92
N LYS A 297 -4.52 0.48 -13.81
CA LYS A 297 -4.78 -0.06 -12.48
C LYS A 297 -5.16 1.11 -11.59
N PRO A 298 -6.31 1.07 -10.92
CA PRO A 298 -6.76 2.23 -10.13
C PRO A 298 -5.76 2.63 -9.06
N LEU A 299 -5.53 3.95 -8.96
CA LEU A 299 -4.59 4.51 -8.02
C LEU A 299 -5.13 4.60 -6.60
N GLY A 300 -6.46 4.59 -6.45
CA GLY A 300 -7.07 4.91 -5.18
C GLY A 300 -7.52 6.35 -5.17
N ALA A 301 -7.52 7.00 -4.01
CA ALA A 301 -7.68 8.44 -3.98
C ALA A 301 -6.39 9.02 -4.52
N VAL A 302 -6.47 10.19 -5.16
CA VAL A 302 -5.26 10.79 -5.72
C VAL A 302 -4.93 12.07 -4.96
N ALA A 303 -3.64 12.44 -5.03
CA ALA A 303 -3.17 13.64 -4.36
C ALA A 303 -3.62 14.91 -5.07
N LEU A 304 -3.89 14.83 -6.37
CA LEU A 304 -4.26 15.99 -7.17
C LEU A 304 -5.72 16.32 -6.93
N LYS A 305 -5.96 17.48 -6.31
CA LYS A 305 -7.32 17.86 -5.89
C LYS A 305 -8.30 17.77 -7.05
N SER A 306 -7.93 18.34 -8.20
CA SER A 306 -8.89 18.45 -9.31
C SER A 306 -9.36 17.08 -9.79
N PHE A 307 -8.47 16.09 -9.82
CA PHE A 307 -8.88 14.76 -10.27
C PHE A 307 -9.56 13.96 -9.15
N GLN A 308 -9.17 14.18 -7.89
CA GLN A 308 -9.83 13.51 -6.77
C GLN A 308 -11.29 13.90 -6.68
N GLU A 309 -11.65 15.14 -7.05
CA GLU A 309 -13.05 15.53 -7.08
C GLU A 309 -13.86 14.62 -8.00
N GLN A 310 -13.25 14.14 -9.08
CA GLN A 310 -13.95 13.29 -10.03
C GLN A 310 -14.02 11.85 -9.55
N LEU A 311 -13.08 11.40 -8.73
CA LEU A 311 -13.09 10.03 -8.22
C LEU A 311 -13.91 9.89 -6.94
N ALA A 312 -14.08 10.98 -6.19
CA ALA A 312 -14.68 10.89 -4.86
C ALA A 312 -16.09 10.36 -4.90
N LYS A 313 -16.75 10.43 -6.05
CA LYS A 313 -18.12 9.95 -6.20
C LYS A 313 -18.20 8.43 -6.15
N ASP A 314 -17.14 7.75 -6.59
CA ASP A 314 -17.12 6.29 -6.70
C ASP A 314 -17.25 5.63 -5.33
N PRO A 315 -18.23 4.76 -5.10
CA PRO A 315 -18.32 4.11 -3.78
C PRO A 315 -17.07 3.35 -3.39
N ARG A 316 -16.29 2.87 -4.37
CA ARG A 316 -15.05 2.16 -4.03
C ARG A 316 -14.03 3.12 -3.44
N ILE A 317 -13.98 4.35 -3.97
CA ILE A 317 -13.07 5.37 -3.44
C ILE A 317 -13.56 5.86 -2.09
N ALA A 318 -14.88 6.01 -1.95
CA ALA A 318 -15.44 6.38 -0.65
C ALA A 318 -15.07 5.36 0.41
N ALA A 319 -15.19 4.07 0.09
CA ALA A 319 -14.82 3.02 1.05
C ALA A 319 -13.33 3.06 1.34
N THR A 320 -12.51 3.31 0.32
CA THR A 320 -11.07 3.42 0.52
C THR A 320 -10.76 4.51 1.55
N MET A 321 -11.37 5.68 1.38
CA MET A 321 -11.14 6.81 2.29
CA MET A 321 -11.11 6.79 2.30
C MET A 321 -11.72 6.54 3.68
N ASP A 322 -12.83 5.81 3.76
CA ASP A 322 -13.38 5.49 5.07
C ASP A 322 -12.45 4.58 5.85
N ASN A 323 -11.94 3.53 5.20
CA ASN A 323 -10.94 2.68 5.84
C ASN A 323 -9.69 3.46 6.19
N ALA A 324 -9.25 4.34 5.28
CA ALA A 324 -8.04 5.15 5.53
C ALA A 324 -8.19 5.98 6.80
N GLN A 325 -9.38 6.56 7.01
CA GLN A 325 -9.58 7.45 8.15
C GLN A 325 -9.62 6.69 9.46
N LYS A 326 -9.97 5.41 9.43
CA LYS A 326 -9.90 4.57 10.63
C LYS A 326 -8.50 4.06 10.87
N GLY A 327 -7.62 4.11 9.87
CA GLY A 327 -6.27 3.60 9.99
C GLY A 327 -5.30 4.70 10.35
N GLU A 328 -4.03 4.45 10.05
CA GLU A 328 -2.95 5.39 10.34
C GLU A 328 -2.07 5.58 9.13
N ILE A 329 -1.63 6.82 8.90
CA ILE A 329 -0.61 7.06 7.90
C ILE A 329 0.67 6.35 8.31
N MET A 330 1.31 5.71 7.36
CA MET A 330 2.59 5.07 7.67
C MET A 330 3.63 6.12 8.04
N PRO A 331 4.48 5.85 9.02
CA PRO A 331 5.68 6.66 9.18
C PRO A 331 6.57 6.52 7.95
N ASN A 332 7.34 7.58 7.66
CA ASN A 332 8.35 7.46 6.61
C ASN A 332 9.77 7.29 7.15
N ILE A 333 9.93 7.09 8.46
CA ILE A 333 11.25 7.07 9.08
C ILE A 333 12.05 5.86 8.62
N PRO A 334 13.40 5.92 8.65
CA PRO A 334 14.20 4.78 8.18
C PRO A 334 13.90 3.47 8.88
N GLN A 335 13.47 3.55 10.15
CA GLN A 335 13.18 2.37 10.95
C GLN A 335 11.95 1.60 10.46
N MET A 336 11.18 2.15 9.51
CA MET A 336 9.97 1.47 9.07
C MET A 336 10.29 0.16 8.38
N SER A 337 11.40 0.07 7.65
CA SER A 337 11.76 -1.18 6.99
CA SER A 337 11.72 -1.18 6.99
C SER A 337 12.06 -2.27 8.01
N ALA A 338 12.78 -1.92 9.07
CA ALA A 338 13.03 -2.87 10.15
C ALA A 338 11.72 -3.36 10.76
N PHE A 339 10.78 -2.44 10.98
CA PHE A 339 9.44 -2.83 11.45
C PHE A 339 8.81 -3.87 10.51
N TRP A 340 8.81 -3.59 9.21
CA TRP A 340 8.09 -4.47 8.29
C TRP A 340 8.76 -5.84 8.22
N TYR A 341 10.09 -5.88 8.13
CA TYR A 341 10.81 -7.15 8.06
C TYR A 341 10.54 -7.99 9.30
N ALA A 342 10.56 -7.35 10.47
CA ALA A 342 10.36 -8.08 11.73
C ALA A 342 8.93 -8.60 11.84
N VAL A 343 7.94 -7.76 11.50
CA VAL A 343 6.55 -8.18 11.59
C VAL A 343 6.23 -9.26 10.56
N ARG A 344 6.80 -9.15 9.34
CA ARG A 344 6.64 -10.21 8.36
CA ARG A 344 6.63 -10.22 8.36
C ARG A 344 7.04 -11.56 8.93
N THR A 345 8.24 -11.64 9.52
CA THR A 345 8.70 -12.88 10.09
C THR A 345 7.79 -13.35 11.21
N ALA A 346 7.32 -12.42 12.05
CA ALA A 346 6.47 -12.81 13.18
C ALA A 346 5.17 -13.45 12.68
N VAL A 347 4.51 -12.82 11.71
CA VAL A 347 3.22 -13.33 11.26
C VAL A 347 3.40 -14.69 10.58
N ILE A 348 4.39 -14.80 9.70
CA ILE A 348 4.62 -16.07 9.02
C ILE A 348 4.95 -17.18 10.01
N ASN A 349 5.79 -16.86 11.01
CA ASN A 349 6.15 -17.88 12.00
C ASN A 349 4.95 -18.29 12.84
N ALA A 350 4.13 -17.33 13.25
CA ALA A 350 2.96 -17.68 14.05
C ALA A 350 1.94 -18.45 13.23
N ALA A 351 1.73 -18.05 11.97
CA ALA A 351 0.71 -18.70 11.15
C ALA A 351 1.10 -20.11 10.75
N SER A 352 2.41 -20.38 10.63
CA SER A 352 2.92 -21.68 10.23
C SER A 352 3.22 -22.58 11.42
N GLY A 353 3.07 -22.10 12.65
CA GLY A 353 3.38 -22.91 13.81
C GLY A 353 4.84 -22.96 14.20
N ARG A 354 5.69 -22.14 13.57
CA ARG A 354 7.10 -22.11 13.94
C ARG A 354 7.34 -21.38 15.25
N GLN A 355 6.42 -20.52 15.66
CA GLN A 355 6.48 -19.84 16.95
C GLN A 355 5.05 -19.68 17.46
N THR A 356 4.93 -19.56 18.78
CA THR A 356 3.67 -19.07 19.36
C THR A 356 3.49 -17.61 18.96
N VAL A 357 2.24 -17.13 19.07
CA VAL A 357 1.98 -15.72 18.85
C VAL A 357 2.84 -14.85 19.76
N ASP A 358 2.87 -15.19 21.06
CA ASP A 358 3.63 -14.37 22.00
C ASP A 358 5.11 -14.36 21.67
N ALA A 359 5.68 -15.54 21.40
CA ALA A 359 7.12 -15.58 21.15
C ALA A 359 7.48 -14.88 19.85
N ALA A 360 6.62 -15.01 18.84
CA ALA A 360 6.88 -14.35 17.55
C ALA A 360 6.86 -12.83 17.70
N LEU A 361 5.84 -12.30 18.39
CA LEU A 361 5.75 -10.85 18.48
C LEU A 361 6.77 -10.28 19.45
N LYS A 362 7.12 -11.04 20.51
CA LYS A 362 8.20 -10.57 21.37
C LYS A 362 9.51 -10.47 20.60
N ASP A 363 9.82 -11.47 19.78
CA ASP A 363 11.05 -11.42 18.99
C ASP A 363 11.03 -10.24 18.01
N ALA A 364 9.88 -9.98 17.38
CA ALA A 364 9.81 -8.83 16.48
C ALA A 364 10.06 -7.53 17.24
N GLN A 365 9.42 -7.38 18.41
CA GLN A 365 9.61 -6.20 19.24
C GLN A 365 11.07 -5.98 19.57
N SER A 366 11.79 -7.04 19.98
CA SER A 366 13.21 -6.92 20.29
C SER A 366 14.02 -6.52 19.07
N ARG A 367 13.70 -7.09 17.90
CA ARG A 367 14.39 -6.75 16.66
C ARG A 367 14.23 -5.29 16.32
N ILE A 368 13.01 -4.75 16.50
CA ILE A 368 12.73 -3.40 16.02
C ILE A 368 13.36 -2.36 16.96
N THR A 369 13.42 -2.66 18.25
CA THR A 369 13.95 -1.71 19.21
C THR A 369 15.36 -2.07 19.64
C1 GLC B . 0.91 -2.67 -2.49
C2 GLC B . 0.97 -1.36 -1.77
C3 GLC B . 2.16 -1.27 -0.91
C4 GLC B . 2.27 -2.42 0.04
C5 GLC B . 2.30 -3.78 -0.70
C6 GLC B . 2.22 -4.85 0.21
O1 GLC B . 1.97 -2.73 -3.41
O2 GLC B . 0.96 -0.28 -2.73
O3 GLC B . 2.10 -0.02 -0.13
O4 GLC B . 3.56 -2.35 0.71
O5 GLC B . 1.03 -3.81 -1.58
O6 GLC B . 2.40 -6.07 -0.46
C1 GLC B . 3.53 -1.86 2.01
C2 GLC B . 4.73 -0.98 2.20
C3 GLC B . 5.99 -1.71 1.95
C4 GLC B . 6.15 -2.91 2.84
C5 GLC B . 4.91 -3.87 2.73
C6 GLC B . 4.94 -4.86 3.77
O2 GLC B . 4.59 0.17 1.30
O3 GLC B . 7.15 -0.81 2.14
O4 GLC B . 7.32 -3.65 2.39
O5 GLC B . 3.67 -3.00 2.95
O6 GLC B . 3.98 -5.89 3.50
C1 GLC B . 8.35 -3.72 3.37
C2 GLC B . 9.64 -3.52 2.72
C3 GLC B . 9.90 -4.53 1.65
C4 GLC B . 9.81 -5.94 2.17
C5 GLC B . 8.50 -6.20 2.95
C6 GLC B . 8.55 -7.42 3.69
O2 GLC B . 9.63 -2.17 2.18
O3 GLC B . 11.26 -4.32 1.11
O4 GLC B . 9.79 -6.90 1.10
O5 GLC B . 8.31 -5.05 3.97
O6 GLC B . 7.25 -7.76 4.08
C1 GLC B . 11.05 -7.35 0.73
C2 GLC B . 11.03 -7.97 -0.64
C3 GLC B . 10.31 -9.25 -0.70
C4 GLC B . 10.71 -10.20 0.39
C5 GLC B . 10.71 -9.59 1.81
C6 GLC B . 11.27 -10.50 2.72
O2 GLC B . 10.38 -7.07 -1.60
O3 GLC B . 10.58 -9.82 -2.00
O4 GLC B . 9.68 -11.16 0.49
O5 GLC B . 11.55 -8.32 1.72
O6 GLC B . 12.57 -10.84 2.35
C1 MPD C . -18.99 7.49 -12.09
C2 MPD C . -18.22 7.72 -10.79
O2 MPD C . -17.56 9.02 -10.86
CM MPD C . -17.12 6.69 -10.62
C3 MPD C . -19.18 7.75 -9.59
C4 MPD C . -20.11 6.54 -9.46
O4 MPD C . -19.39 5.34 -9.25
C5 MPD C . -21.02 6.74 -8.25
CA' 2ME D . 11.57 -15.16 7.77
CB' 2ME D . 10.36 -16.08 7.63
OC' 2ME D . 10.75 -17.41 7.82
CD' 2ME D . 11.22 -17.70 9.12
CA' 2ME E . -7.58 12.51 -0.76
CB' 2ME E . -8.38 12.95 0.47
OC' 2ME E . -9.74 13.02 0.15
CD' 2ME E . -10.58 12.81 1.26
CA' 2ME F . 7.39 -6.75 -2.74
CB' 2ME F . 7.48 -6.58 -1.22
OC' 2ME F . 6.59 -5.60 -0.81
CD' 2ME F . 5.32 -6.15 -0.63
CA' 2ME G . 13.16 -17.79 2.90
CB' 2ME G . 13.16 -16.90 4.15
OC' 2ME G . 11.90 -16.83 4.77
CD' 2ME G . 10.84 -17.52 4.16
MG MG H . 17.72 15.58 0.71
MG MG I . 6.31 -16.02 1.95
MG MG J . 9.15 -5.58 -4.44
C2 BGC K . 11.10 -15.01 0.72
C3 BGC K . 11.51 -13.71 0.11
C4 BGC K . 10.81 -13.45 -1.19
C5 BGC K . 9.28 -13.59 -1.00
C6 BGC K . 8.51 -13.21 -2.23
C1 BGC K . 9.59 -15.17 0.80
O1 BGC K . 9.29 -16.43 1.22
O2 BGC K . 11.63 -15.10 2.05
O3 BGC K . 12.95 -13.72 -0.08
O5 BGC K . 8.93 -14.93 -0.53
O6 BGC K . 9.11 -12.11 -2.86
C TRS L . -1.05 -4.77 -16.53
C1 TRS L . -1.59 -6.02 -15.85
C2 TRS L . -0.95 -3.61 -15.55
C3 TRS L . -1.94 -4.39 -17.70
N TRS L . 0.29 -5.09 -17.03
O1 TRS L . -0.69 -6.43 -14.85
O2 TRS L . 0.01 -2.66 -15.95
O3 TRS L . -1.81 -3.02 -17.96
C TRS M . -24.71 -17.45 2.38
C1 TRS M . -25.68 -17.32 1.22
C2 TRS M . -25.47 -17.51 3.69
C3 TRS M . -23.74 -16.27 2.43
N TRS M . -23.91 -18.67 2.20
O1 TRS M . -24.98 -17.31 -0.01
O2 TRS M . -26.30 -16.38 3.78
O3 TRS M . -24.44 -15.08 2.70
C1 GOL N . 3.78 12.37 8.18
O1 GOL N . 2.77 12.03 7.27
C2 GOL N . 4.31 11.06 8.81
O2 GOL N . 3.31 10.12 9.02
C3 GOL N . 5.37 10.54 7.82
O3 GOL N . 6.47 10.17 8.61
C1 GOL O . 16.14 -11.58 -0.29
O1 GOL O . 15.86 -11.89 -1.62
C2 GOL O . 15.75 -10.10 -0.07
O2 GOL O . 14.53 -9.79 -0.65
C3 GOL O . 15.78 -9.90 1.48
O3 GOL O . 14.67 -9.13 1.83
#